data_9H1D
#
_entry.id   9H1D
#
_cell.length_a   56.792
_cell.length_b   85.510
_cell.length_c   134.816
_cell.angle_alpha   90.000
_cell.angle_beta   90.000
_cell.angle_gamma   90.000
#
_symmetry.space_group_name_H-M   'P 21 21 21'
#
loop_
_entity.id
_entity.type
_entity.pdbx_description
1 polymer 'Angiotensin-converting enzyme'
2 branched alpha-D-mannopyranose-(1-3)-alpha-D-mannopyranose-(1-6)-[alpha-D-mannopyranose-(1-3)]beta-D-mannopyranose-(1-4)-2-acetamido-2-deoxy-beta-D-glucopyranose-(1-4)-[alpha-L-fucopyranose-(1-6)]2-acetamido-2-deoxy-beta-D-glucopyranose
3 non-polymer '(2~{S},5~{R})-5-(4-methylphenyl)-1-[2-[[(2~{S})-3-phenyl-2-sulfanyl-propanoyl]amino]ethanoyl]pyrrolidine-2-carboxylic acid'
4 non-polymer IMIDAZOLE
5 non-polymer 1,2-ETHANEDIOL
6 non-polymer 2-acetamido-2-deoxy-beta-D-glucopyranose
7 non-polymer 'ZINC ION'
8 non-polymer 'CHLORIDE ION'
9 water water
#
_entity_poly.entity_id   1
_entity_poly.type   'polypeptide(L)'
_entity_poly.pdbx_seq_one_letter_code
;LVTDEAEASKFVEEYDRTSQVVWNEYAGANWNYNTNITTETSKILLQKNMQIAQHTLKYGTQARKFDVNQLQNTTIKRII
KKVQDLERAALPAQELEEYNKILLDMETTYSVATVCHPQGSCLQLEPDLTNVMATSRKYEDLLWAWEGWRDKAGRAILQF
YPKYVELINQAARLNGYVDAGDSWRSMYETPSLEQDLERLFQELQPLYLNLHAYVRRALHRHYGAQHINLEGPIPAHLLG
NMWAQTWSNIYDLVVPFPSAPSMDTTEAMLKQGWTPRRMFKEADDFFTSLGLLPVPPEFWQKSMLEKPTDGREVVCHASA
WDFYNGKDFRIKQCTTVNLEDLVVAHHEMGHIQYFMQYKDLPVALREGANPGFHEAIGDVLALSVSTPKHLHSLNLLSSE
GGSDEHDINFLMKMALDKIAFIPFSYLVDQWRWRVFDGSITKENYNQEWWSLRLKYQGLCPPVPRTQGDFDPGAKFHIPS
SVPYIRYFVSFIIQFQFHEALCQAAGHTGPLHKCDIYQSKEAGQRLATAMKLGFSRPWPEAMQLITGQPQMSASAMLSYF
KPLLDWLRTENELHGEKLGWPQYNWTPNSARSEGPLP
;
_entity_poly.pdbx_strand_id   A
#
# COMPACT_ATOMS: atom_id res chain seq x y z
N ASP A 4 22.08 -29.66 22.40
CA ASP A 4 21.89 -28.21 22.51
C ASP A 4 21.50 -27.63 21.15
N GLU A 5 22.41 -27.79 20.19
CA GLU A 5 22.06 -27.53 18.80
C GLU A 5 21.02 -28.52 18.31
N ALA A 6 21.08 -29.76 18.79
CA ALA A 6 20.07 -30.73 18.40
C ALA A 6 18.71 -30.41 19.02
N GLU A 7 18.69 -29.85 20.23
CA GLU A 7 17.42 -29.45 20.82
C GLU A 7 16.79 -28.30 20.04
N ALA A 8 17.61 -27.34 19.58
CA ALA A 8 17.08 -26.21 18.83
C ALA A 8 16.48 -26.65 17.48
N SER A 9 17.17 -27.54 16.79
CA SER A 9 16.66 -28.03 15.51
C SER A 9 15.34 -28.78 15.70
N LYS A 10 15.28 -29.68 16.69
CA LYS A 10 14.01 -30.37 16.98
C LYS A 10 12.90 -29.38 17.30
N PHE A 11 13.23 -28.28 18.00
CA PHE A 11 12.21 -27.30 18.33
C PHE A 11 11.65 -26.65 17.07
N VAL A 12 12.53 -26.21 16.17
CA VAL A 12 11.99 -25.51 14.99
C VAL A 12 11.20 -26.48 14.13
N GLU A 13 11.59 -27.77 14.12
CA GLU A 13 10.84 -28.78 13.37
C GLU A 13 9.44 -28.96 13.94
N GLU A 14 9.31 -28.97 15.27
CA GLU A 14 8.00 -29.13 15.90
C GLU A 14 7.17 -27.85 15.74
N TYR A 15 7.81 -26.69 15.87
CA TYR A 15 7.12 -25.43 15.62
C TYR A 15 6.59 -25.35 14.20
N ASP A 16 7.39 -25.78 13.22
CA ASP A 16 6.91 -25.68 11.83
C ASP A 16 5.71 -26.58 11.59
N ARG A 17 5.73 -27.80 12.14
CA ARG A 17 4.65 -28.76 11.91
C ARG A 17 3.34 -28.25 12.47
N THR A 18 3.38 -27.89 13.75
CA THR A 18 2.18 -27.44 14.46
C THR A 18 1.67 -26.09 13.95
N SER A 19 2.57 -25.20 13.55
CA SER A 19 2.16 -23.87 13.06
C SER A 19 1.43 -23.98 11.74
N GLN A 20 1.83 -24.89 10.86
CA GLN A 20 1.11 -25.05 9.61
C GLN A 20 -0.37 -25.36 9.86
N VAL A 21 -0.64 -26.23 10.82
CA VAL A 21 -2.03 -26.63 11.10
C VAL A 21 -2.81 -25.47 11.69
N VAL A 22 -2.23 -24.83 12.72
CA VAL A 22 -2.95 -23.79 13.46
C VAL A 22 -3.15 -22.56 12.59
N TRP A 23 -2.13 -22.17 11.82
CA TRP A 23 -2.26 -20.97 11.01
C TRP A 23 -3.24 -21.19 9.87
N ASN A 24 -3.26 -22.39 9.31
CA ASN A 24 -4.26 -22.70 8.27
C ASN A 24 -5.67 -22.56 8.82
N GLU A 25 -5.91 -23.06 10.04
CA GLU A 25 -7.24 -22.93 10.62
C GLU A 25 -7.59 -21.47 10.86
N TYR A 26 -6.62 -20.68 11.32
CA TYR A 26 -6.92 -19.28 11.60
C TYR A 26 -7.23 -18.54 10.30
N ALA A 27 -6.44 -18.78 9.26
CA ALA A 27 -6.65 -18.09 7.99
C ALA A 27 -8.04 -18.35 7.45
N GLY A 28 -8.52 -19.58 7.60
CA GLY A 28 -9.84 -19.92 7.11
C GLY A 28 -10.93 -19.14 7.80
N ALA A 29 -10.82 -19.00 9.11
CA ALA A 29 -11.86 -18.27 9.85
C ALA A 29 -11.78 -16.78 9.58
N ASN A 30 -10.57 -16.25 9.44
CA ASN A 30 -10.43 -14.83 9.11
C ASN A 30 -11.00 -14.56 7.73
N TRP A 31 -10.74 -15.45 6.77
CA TRP A 31 -11.30 -15.30 5.43
C TRP A 31 -12.82 -15.19 5.48
N ASN A 32 -13.45 -15.91 6.41
CA ASN A 32 -14.92 -15.95 6.41
C ASN A 32 -15.53 -14.72 7.03
N TYR A 33 -14.91 -14.13 8.05
CA TYR A 33 -15.37 -12.83 8.50
C TYR A 33 -15.20 -11.77 7.40
N ASN A 34 -14.05 -11.76 6.73
CA ASN A 34 -13.74 -10.71 5.78
C ASN A 34 -14.61 -10.80 4.54
N THR A 35 -15.05 -12.01 4.20
CA THR A 35 -15.92 -12.21 3.04
C THR A 35 -17.41 -12.12 3.41
N ASN A 36 -17.74 -11.80 4.66
CA ASN A 36 -19.10 -11.99 5.17
C ASN A 36 -19.21 -11.51 6.62
N ILE A 37 -19.20 -10.19 6.82
CA ILE A 37 -19.23 -9.57 8.14
C ILE A 37 -20.61 -9.84 8.76
N THR A 38 -20.64 -10.73 9.76
CA THR A 38 -21.85 -11.07 10.51
C THR A 38 -21.49 -11.22 11.99
N THR A 39 -22.52 -11.42 12.82
CA THR A 39 -22.27 -11.64 14.24
C THR A 39 -21.67 -13.03 14.48
N GLU A 40 -22.15 -14.04 13.75
CA GLU A 40 -21.58 -15.38 13.88
C GLU A 40 -20.10 -15.39 13.53
N THR A 41 -19.77 -15.07 12.27
CA THR A 41 -18.37 -15.16 11.87
C THR A 41 -17.49 -14.26 12.73
N SER A 42 -18.04 -13.19 13.30
CA SER A 42 -17.28 -12.36 14.24
C SER A 42 -16.82 -13.19 15.43
N LYS A 43 -17.78 -13.88 16.07
CA LYS A 43 -17.49 -14.62 17.30
C LYS A 43 -16.47 -15.73 17.06
N ILE A 44 -16.58 -16.45 15.94
CA ILE A 44 -15.67 -17.57 15.70
C ILE A 44 -14.29 -17.05 15.35
N LEU A 45 -14.21 -15.95 14.59
CA LEU A 45 -12.92 -15.30 14.38
C LEU A 45 -12.28 -14.96 15.72
N LEU A 46 -13.05 -14.34 16.64
CA LEU A 46 -12.50 -14.02 17.96
C LEU A 46 -12.13 -15.29 18.73
N GLN A 47 -12.82 -16.41 18.45
CA GLN A 47 -12.47 -17.68 19.08
C GLN A 47 -11.17 -18.25 18.51
N LYS A 48 -11.05 -18.30 17.19
CA LYS A 48 -9.81 -18.77 16.58
C LYS A 48 -8.65 -17.90 16.97
N ASN A 49 -8.91 -16.64 17.35
CA ASN A 49 -7.84 -15.79 17.87
C ASN A 49 -7.29 -16.36 19.15
N MET A 50 -8.12 -17.00 19.96
CA MET A 50 -7.63 -17.58 21.20
C MET A 50 -6.88 -18.88 20.94
N GLN A 51 -7.30 -19.69 19.98
CA GLN A 51 -6.53 -20.87 19.63
C GLN A 51 -5.12 -20.50 19.16
N ILE A 52 -5.01 -19.58 18.20
CA ILE A 52 -3.70 -19.25 17.67
C ILE A 52 -2.86 -18.57 18.76
N ALA A 53 -3.49 -17.83 19.68
CA ALA A 53 -2.71 -17.20 20.73
C ALA A 53 -2.14 -18.24 21.69
N GLN A 54 -2.91 -19.26 22.03
N GLN A 54 -2.90 -19.28 22.00
CA GLN A 54 -2.40 -20.34 22.86
CA GLN A 54 -2.39 -20.33 22.88
C GLN A 54 -1.17 -20.97 22.24
C GLN A 54 -1.20 -21.05 22.26
N HIS A 55 -1.26 -21.31 20.95
CA HIS A 55 -0.11 -21.89 20.25
C HIS A 55 1.10 -20.96 20.29
N THR A 56 0.88 -19.69 20.02
CA THR A 56 1.98 -18.73 19.96
C THR A 56 2.66 -18.62 21.32
N LEU A 57 1.86 -18.59 22.38
CA LEU A 57 2.41 -18.50 23.72
C LEU A 57 3.15 -19.78 24.12
N LYS A 58 2.61 -20.95 23.77
CA LYS A 58 3.31 -22.20 24.08
C LYS A 58 4.70 -22.21 23.45
N TYR A 59 4.77 -21.90 22.15
CA TYR A 59 6.04 -22.08 21.46
C TYR A 59 6.96 -20.88 21.68
N GLY A 60 6.38 -19.70 21.84
CA GLY A 60 7.20 -18.52 22.10
C GLY A 60 7.84 -18.57 23.46
N THR A 61 7.11 -19.10 24.45
CA THR A 61 7.71 -19.34 25.76
C THR A 61 8.86 -20.33 25.68
N GLN A 62 8.68 -21.43 24.92
CA GLN A 62 9.76 -22.39 24.75
C GLN A 62 10.93 -21.75 24.02
N ALA A 63 10.66 -20.93 23.00
CA ALA A 63 11.74 -20.32 22.23
C ALA A 63 12.59 -19.38 23.08
N ARG A 64 11.97 -18.67 24.03
CA ARG A 64 12.71 -17.76 24.90
C ARG A 64 13.64 -18.48 25.87
N LYS A 65 13.53 -19.81 25.99
CA LYS A 65 14.44 -20.57 26.84
C LYS A 65 15.76 -20.82 26.16
N PHE A 66 15.83 -20.64 24.85
CA PHE A 66 17.07 -20.79 24.11
C PHE A 66 17.85 -19.49 24.18
N ASP A 67 19.12 -19.57 24.60
CA ASP A 67 20.06 -18.47 24.45
C ASP A 67 20.53 -18.51 23.01
N VAL A 68 19.97 -17.63 22.18
CA VAL A 68 20.31 -17.61 20.76
C VAL A 68 21.78 -17.31 20.56
N ASN A 69 22.42 -16.67 21.55
CA ASN A 69 23.85 -16.37 21.43
C ASN A 69 24.69 -17.62 21.24
N GLN A 70 24.28 -18.75 21.82
CA GLN A 70 25.08 -19.97 21.79
C GLN A 70 24.76 -20.88 20.61
N LEU A 71 23.77 -20.53 19.79
CA LEU A 71 23.42 -21.35 18.64
C LEU A 71 24.32 -21.03 17.46
N GLN A 72 24.83 -22.07 16.81
CA GLN A 72 25.76 -21.88 15.70
C GLN A 72 25.04 -21.76 14.36
N ASN A 73 24.01 -22.57 14.12
CA ASN A 73 23.36 -22.55 12.82
C ASN A 73 22.55 -21.27 12.69
N THR A 74 22.85 -20.47 11.67
CA THR A 74 22.26 -19.14 11.57
C THR A 74 20.78 -19.22 11.20
N THR A 75 20.40 -20.19 10.36
CA THR A 75 18.99 -20.32 10.00
C THR A 75 18.15 -20.66 11.23
N ILE A 76 18.62 -21.60 12.05
CA ILE A 76 17.89 -21.98 13.25
C ILE A 76 17.88 -20.82 14.24
N LYS A 77 19.04 -20.14 14.40
CA LYS A 77 19.13 -18.94 15.22
C LYS A 77 18.07 -17.93 14.83
N ARG A 78 17.90 -17.77 13.52
CA ARG A 78 17.02 -16.75 12.99
C ARG A 78 15.56 -17.09 13.24
N ILE A 79 15.18 -18.35 13.02
CA ILE A 79 13.81 -18.77 13.29
C ILE A 79 13.48 -18.59 14.78
N ILE A 80 14.35 -19.09 15.67
CA ILE A 80 14.05 -19.06 17.10
C ILE A 80 13.94 -17.62 17.61
N LYS A 81 14.86 -16.75 17.20
CA LYS A 81 14.76 -15.33 17.56
C LYS A 81 13.40 -14.76 17.17
N LYS A 82 12.89 -15.13 15.99
CA LYS A 82 11.59 -14.63 15.56
C LYS A 82 10.46 -15.23 16.38
N VAL A 83 10.54 -16.51 16.74
CA VAL A 83 9.47 -17.14 17.53
C VAL A 83 9.42 -16.58 18.95
N GLN A 84 10.51 -15.98 19.43
CA GLN A 84 10.52 -15.30 20.72
C GLN A 84 9.62 -14.06 20.76
N ASP A 85 9.25 -13.50 19.61
CA ASP A 85 8.33 -12.35 19.55
C ASP A 85 6.90 -12.91 19.49
N LEU A 86 6.16 -12.79 20.59
CA LEU A 86 4.79 -13.29 20.67
C LEU A 86 3.76 -12.37 20.03
N GLU A 87 4.15 -11.15 19.67
CA GLU A 87 3.19 -10.15 19.21
C GLU A 87 2.05 -10.05 20.22
N ARG A 88 0.79 -9.99 19.78
CA ARG A 88 -0.28 -9.71 20.72
C ARG A 88 -0.47 -10.83 21.72
N ALA A 89 0.03 -12.04 21.43
CA ALA A 89 -0.14 -13.13 22.38
C ALA A 89 0.71 -12.95 23.65
N ALA A 90 1.55 -11.93 23.71
CA ALA A 90 2.23 -11.60 24.96
C ALA A 90 1.31 -10.92 25.96
N LEU A 91 0.19 -10.36 25.50
CA LEU A 91 -0.71 -9.67 26.40
C LEU A 91 -1.34 -10.66 27.40
N PRO A 92 -1.58 -10.23 28.64
CA PRO A 92 -2.41 -11.04 29.54
C PRO A 92 -3.82 -11.22 28.96
N ALA A 93 -4.51 -12.25 29.44
CA ALA A 93 -5.69 -12.76 28.75
C ALA A 93 -6.77 -11.70 28.60
N GLN A 94 -7.00 -10.91 29.63
CA GLN A 94 -8.04 -9.87 29.56
C GLN A 94 -7.70 -8.81 28.51
N GLU A 95 -6.43 -8.37 28.49
CA GLU A 95 -6.01 -7.36 27.52
C GLU A 95 -6.02 -7.93 26.10
N LEU A 96 -5.69 -9.21 25.92
CA LEU A 96 -5.71 -9.77 24.58
C LEU A 96 -7.13 -9.78 24.01
N GLU A 97 -8.11 -10.16 24.84
CA GLU A 97 -9.51 -10.17 24.41
C GLU A 97 -9.98 -8.77 24.05
N GLU A 98 -9.61 -7.80 24.86
CA GLU A 98 -9.96 -6.42 24.58
C GLU A 98 -9.34 -5.94 23.27
N TYR A 99 -8.08 -6.32 23.03
CA TYR A 99 -7.38 -5.87 21.83
C TYR A 99 -8.01 -6.47 20.58
N ASN A 100 -8.33 -7.77 20.61
CA ASN A 100 -8.95 -8.36 19.42
C ASN A 100 -10.30 -7.73 19.16
N LYS A 101 -11.04 -7.42 20.22
CA LYS A 101 -12.35 -6.80 20.07
C LYS A 101 -12.21 -5.41 19.48
N ILE A 102 -11.17 -4.67 19.89
CA ILE A 102 -11.00 -3.30 19.44
C ILE A 102 -10.60 -3.27 17.96
N LEU A 103 -9.65 -4.12 17.58
CA LEU A 103 -9.31 -4.23 16.17
C LEU A 103 -10.54 -4.55 15.34
N LEU A 104 -11.35 -5.50 15.81
CA LEU A 104 -12.53 -5.88 15.03
C LEU A 104 -13.52 -4.74 14.95
N ASP A 105 -13.70 -3.99 16.06
CA ASP A 105 -14.67 -2.89 16.06
C ASP A 105 -14.21 -1.77 15.13
N MET A 106 -12.90 -1.51 15.07
CA MET A 106 -12.42 -0.45 14.19
C MET A 106 -12.62 -0.84 12.73
N GLU A 107 -12.23 -2.07 12.37
CA GLU A 107 -12.41 -2.55 11.00
C GLU A 107 -13.86 -2.50 10.58
N THR A 108 -14.75 -2.98 11.46
CA THR A 108 -16.16 -3.02 11.13
C THR A 108 -16.73 -1.62 10.97
N THR A 109 -16.41 -0.72 11.91
CA THR A 109 -16.88 0.67 11.80
C THR A 109 -16.45 1.31 10.48
N TYR A 110 -15.21 1.10 10.07
CA TYR A 110 -14.74 1.64 8.79
C TYR A 110 -15.50 1.04 7.63
N SER A 111 -15.71 -0.29 7.64
CA SER A 111 -16.26 -0.96 6.47
C SER A 111 -17.73 -0.64 6.23
N VAL A 112 -18.50 -0.32 7.28
CA VAL A 112 -19.93 -0.13 7.12
C VAL A 112 -20.35 1.33 7.16
N ALA A 113 -19.40 2.26 7.32
CA ALA A 113 -19.75 3.67 7.37
C ALA A 113 -20.35 4.13 6.03
N THR A 114 -21.34 5.02 6.11
CA THR A 114 -21.95 5.59 4.92
C THR A 114 -22.17 7.08 5.10
N VAL A 115 -22.33 7.77 3.98
CA VAL A 115 -22.56 9.21 3.92
C VAL A 115 -23.88 9.42 3.20
N CYS A 116 -24.80 10.14 3.83
CA CYS A 116 -26.15 10.24 3.32
C CYS A 116 -26.52 11.68 2.99
N HIS A 117 -27.34 11.84 1.92
CA HIS A 117 -28.07 13.08 1.71
C HIS A 117 -29.34 13.08 2.55
N PRO A 118 -29.76 14.25 3.04
CA PRO A 118 -31.00 14.30 3.81
C PRO A 118 -32.17 13.93 2.92
N GLN A 119 -33.02 13.02 3.41
CA GLN A 119 -34.12 12.50 2.59
C GLN A 119 -33.58 12.06 1.23
N GLY A 120 -32.45 11.38 1.24
CA GLY A 120 -31.79 10.92 0.03
C GLY A 120 -30.99 9.64 0.18
N SER A 121 -30.18 9.34 -0.83
CA SER A 121 -29.44 8.10 -0.89
C SER A 121 -28.27 8.10 0.09
N CYS A 122 -27.85 6.91 0.48
CA CYS A 122 -26.64 6.72 1.28
C CYS A 122 -25.57 6.07 0.43
N LEU A 123 -24.36 6.62 0.50
CA LEU A 123 -23.25 6.21 -0.34
C LEU A 123 -22.22 5.47 0.49
N GLN A 124 -21.77 4.33 -0.02
CA GLN A 124 -20.62 3.63 0.52
C GLN A 124 -19.34 4.23 -0.02
N LEU A 125 -18.22 3.93 0.65
CA LEU A 125 -16.94 4.43 0.17
C LEU A 125 -16.64 3.92 -1.24
N GLU A 126 -16.71 2.60 -1.42
CA GLU A 126 -16.48 1.94 -2.69
C GLU A 126 -17.78 1.33 -3.18
N PRO A 127 -18.24 1.64 -4.40
CA PRO A 127 -17.64 2.51 -5.40
C PRO A 127 -18.07 3.96 -5.29
N ASP A 128 -19.08 4.27 -4.47
CA ASP A 128 -19.87 5.48 -4.66
C ASP A 128 -19.10 6.76 -4.37
N LEU A 129 -18.50 6.87 -3.18
CA LEU A 129 -17.80 8.11 -2.86
C LEU A 129 -16.49 8.24 -3.62
N THR A 130 -15.83 7.10 -3.88
CA THR A 130 -14.63 7.07 -4.69
C THR A 130 -14.92 7.62 -6.10
N ASN A 131 -16.05 7.21 -6.67
CA ASN A 131 -16.45 7.70 -7.99
C ASN A 131 -16.70 9.21 -7.98
N VAL A 132 -17.31 9.74 -6.91
CA VAL A 132 -17.50 11.19 -6.83
C VAL A 132 -16.15 11.88 -6.83
N MET A 133 -15.22 11.42 -5.99
CA MET A 133 -13.91 12.05 -5.89
C MET A 133 -13.19 12.02 -7.24
N ALA A 134 -13.36 10.94 -8.00
CA ALA A 134 -12.64 10.78 -9.27
C ALA A 134 -13.22 11.62 -10.40
N THR A 135 -14.53 11.86 -10.41
CA THR A 135 -15.20 12.39 -11.60
C THR A 135 -15.85 13.75 -11.40
N SER A 136 -16.31 14.12 -10.20
CA SER A 136 -16.90 15.43 -10.02
C SER A 136 -15.86 16.53 -10.21
N ARG A 137 -16.26 17.62 -10.85
CA ARG A 137 -15.43 18.80 -11.02
C ARG A 137 -16.11 20.02 -10.41
N LYS A 138 -16.97 19.78 -9.43
CA LYS A 138 -17.68 20.81 -8.70
C LYS A 138 -17.13 20.89 -7.28
N TYR A 139 -16.60 22.06 -6.92
CA TYR A 139 -15.93 22.22 -5.63
C TYR A 139 -16.79 21.77 -4.46
N GLU A 140 -18.08 22.13 -4.49
CA GLU A 140 -18.97 21.84 -3.37
C GLU A 140 -19.35 20.37 -3.31
N ASP A 141 -19.46 19.70 -4.46
CA ASP A 141 -19.81 18.28 -4.44
C ASP A 141 -18.63 17.44 -3.97
N LEU A 142 -17.42 17.80 -4.41
CA LEU A 142 -16.23 17.16 -3.84
C LEU A 142 -16.14 17.38 -2.33
N LEU A 143 -16.45 18.60 -1.87
CA LEU A 143 -16.34 18.91 -0.45
C LEU A 143 -17.33 18.09 0.36
N TRP A 144 -18.55 17.92 -0.12
CA TRP A 144 -19.53 17.09 0.57
C TRP A 144 -19.02 15.66 0.76
N ALA A 145 -18.46 15.05 -0.28
CA ALA A 145 -17.95 13.69 -0.14
C ALA A 145 -16.74 13.62 0.79
N TRP A 146 -15.83 14.58 0.67
CA TRP A 146 -14.57 14.58 1.42
C TRP A 146 -14.84 14.81 2.91
N GLU A 147 -15.67 15.79 3.22
CA GLU A 147 -16.03 16.07 4.61
C GLU A 147 -16.92 14.99 5.17
N GLY A 148 -17.87 14.52 4.36
CA GLY A 148 -18.82 13.53 4.84
C GLY A 148 -18.13 12.24 5.26
N TRP A 149 -17.18 11.78 4.47
CA TRP A 149 -16.47 10.56 4.81
C TRP A 149 -15.67 10.73 6.10
N ARG A 150 -15.05 11.89 6.29
CA ARG A 150 -14.31 12.08 7.55
C ARG A 150 -15.27 12.19 8.74
N ASP A 151 -16.43 12.83 8.54
CA ASP A 151 -17.43 12.96 9.58
C ASP A 151 -17.94 11.60 10.04
N LYS A 152 -18.15 10.67 9.10
CA LYS A 152 -18.80 9.41 9.45
C LYS A 152 -17.83 8.28 9.72
N ALA A 153 -16.72 8.20 8.98
CA ALA A 153 -15.75 7.16 9.24
C ALA A 153 -14.75 7.63 10.30
N GLY A 154 -14.08 8.75 10.04
CA GLY A 154 -12.99 9.19 10.91
C GLY A 154 -13.44 9.46 12.33
N ARG A 155 -14.48 10.30 12.49
CA ARG A 155 -14.90 10.65 13.84
C ARG A 155 -15.34 9.42 14.63
N ALA A 156 -15.86 8.37 13.96
CA ALA A 156 -16.34 7.19 14.67
C ALA A 156 -15.21 6.24 15.09
N ILE A 157 -14.01 6.39 14.53
CA ILE A 157 -12.88 5.58 14.95
C ILE A 157 -12.23 6.18 16.20
N LEU A 158 -12.40 7.48 16.43
CA LEU A 158 -11.66 8.15 17.49
C LEU A 158 -11.90 7.51 18.86
N GLN A 159 -13.14 7.04 19.12
CA GLN A 159 -13.41 6.48 20.44
C GLN A 159 -12.54 5.27 20.75
N PHE A 160 -12.07 4.53 19.73
CA PHE A 160 -11.25 3.33 19.93
C PHE A 160 -9.75 3.57 19.96
N TYR A 161 -9.28 4.68 19.43
CA TYR A 161 -7.89 4.69 19.02
C TYR A 161 -6.95 4.82 20.22
N PRO A 162 -7.26 5.61 21.25
CA PRO A 162 -6.34 5.65 22.40
C PRO A 162 -6.14 4.30 23.06
N LYS A 163 -7.21 3.50 23.21
CA LYS A 163 -7.05 2.19 23.83
C LYS A 163 -6.29 1.23 22.93
N TYR A 164 -6.51 1.32 21.61
CA TYR A 164 -5.69 0.56 20.67
C TYR A 164 -4.21 0.86 20.84
N VAL A 165 -3.86 2.15 20.90
CA VAL A 165 -2.46 2.54 21.07
C VAL A 165 -1.89 1.97 22.36
N GLU A 166 -2.65 2.05 23.46
CA GLU A 166 -2.17 1.55 24.74
C GLU A 166 -1.87 0.04 24.68
N LEU A 167 -2.79 -0.74 24.10
CA LEU A 167 -2.64 -2.20 24.02
C LEU A 167 -1.56 -2.64 23.03
N ILE A 168 -1.46 -1.98 21.87
CA ILE A 168 -0.44 -2.41 20.91
C ILE A 168 0.96 -2.02 21.42
N ASN A 169 1.06 -0.89 22.13
CA ASN A 169 2.34 -0.55 22.75
C ASN A 169 2.71 -1.53 23.87
N GLN A 170 1.72 -1.95 24.67
CA GLN A 170 1.99 -2.88 25.77
C GLN A 170 2.50 -4.21 25.24
N ALA A 171 1.87 -4.70 24.16
CA ALA A 171 2.35 -5.94 23.57
C ALA A 171 3.77 -5.77 23.08
N ALA A 172 4.08 -4.63 22.46
CA ALA A 172 5.44 -4.41 21.95
C ALA A 172 6.46 -4.37 23.09
N ARG A 173 6.12 -3.71 24.20
CA ARG A 173 7.03 -3.68 25.34
C ARG A 173 7.25 -5.07 25.92
N LEU A 174 6.19 -5.89 25.93
CA LEU A 174 6.30 -7.24 26.44
C LEU A 174 7.09 -8.16 25.50
N ASN A 175 7.37 -7.73 24.28
CA ASN A 175 8.24 -8.46 23.38
C ASN A 175 9.63 -7.81 23.23
N GLY A 176 9.99 -6.89 24.13
CA GLY A 176 11.34 -6.32 24.17
C GLY A 176 11.56 -5.03 23.41
N TYR A 177 10.50 -4.44 22.84
CA TYR A 177 10.59 -3.20 22.09
C TYR A 177 10.20 -2.04 23.00
N VAL A 178 10.44 -0.80 22.57
CA VAL A 178 10.06 0.32 23.43
C VAL A 178 8.64 0.80 23.16
N ASP A 179 8.12 0.55 21.96
CA ASP A 179 6.76 0.88 21.56
C ASP A 179 6.47 0.15 20.23
N ALA A 180 5.22 0.24 19.77
CA ALA A 180 4.83 -0.53 18.61
C ALA A 180 5.53 -0.05 17.33
N GLY A 181 5.86 1.24 17.24
CA GLY A 181 6.56 1.74 16.06
C GLY A 181 7.97 1.18 15.97
N ASP A 182 8.62 1.05 17.12
CA ASP A 182 9.93 0.40 17.19
C ASP A 182 9.83 -1.04 16.69
N SER A 183 8.79 -1.75 17.14
CA SER A 183 8.55 -3.10 16.66
C SER A 183 8.33 -3.13 15.14
N TRP A 184 7.53 -2.18 14.59
CA TRP A 184 7.29 -2.22 13.15
C TRP A 184 8.58 -1.94 12.37
N ARG A 185 9.34 -0.91 12.78
CA ARG A 185 10.56 -0.59 12.05
C ARG A 185 11.55 -1.75 12.08
N SER A 186 11.53 -2.56 13.15
CA SER A 186 12.51 -3.65 13.25
C SER A 186 12.33 -4.71 12.16
N MET A 187 11.16 -4.77 11.53
N MET A 187 11.17 -4.78 11.52
CA MET A 187 10.96 -5.74 10.45
CA MET A 187 10.98 -5.77 10.46
C MET A 187 11.94 -5.54 9.31
C MET A 187 11.87 -5.50 9.24
N TYR A 188 12.49 -4.33 9.15
CA TYR A 188 13.46 -4.06 8.08
C TYR A 188 14.90 -4.42 8.45
N GLU A 189 15.17 -4.75 9.71
CA GLU A 189 16.51 -5.18 10.15
C GLU A 189 17.59 -4.22 9.68
N THR A 190 17.30 -2.93 9.78
CA THR A 190 18.15 -1.88 9.21
C THR A 190 18.27 -0.75 10.23
N PRO A 191 19.38 -0.71 10.97
CA PRO A 191 19.54 0.32 12.02
C PRO A 191 19.42 1.75 11.50
N SER A 192 19.87 1.99 10.27
CA SER A 192 19.83 3.30 9.65
C SER A 192 18.52 3.59 8.91
N LEU A 193 17.46 2.83 9.15
CA LEU A 193 16.22 2.95 8.39
C LEU A 193 15.71 4.39 8.33
N GLU A 194 15.57 5.06 9.47
CA GLU A 194 14.92 6.37 9.41
C GLU A 194 15.74 7.35 8.59
N GLN A 195 17.06 7.30 8.73
CA GLN A 195 17.91 8.20 7.97
C GLN A 195 17.91 7.83 6.49
N ASP A 196 17.90 6.55 6.18
CA ASP A 196 17.90 6.12 4.79
C ASP A 196 16.63 6.60 4.08
N LEU A 197 15.48 6.42 4.73
CA LEU A 197 14.21 6.81 4.14
C LEU A 197 14.14 8.32 3.96
N GLU A 198 14.61 9.10 4.94
CA GLU A 198 14.65 10.55 4.80
C GLU A 198 15.50 10.99 3.61
N ARG A 199 16.65 10.34 3.39
CA ARG A 199 17.48 10.69 2.25
C ARG A 199 16.78 10.40 0.92
N LEU A 200 16.06 9.28 0.82
CA LEU A 200 15.31 8.97 -0.38
C LEU A 200 14.20 9.96 -0.60
N PHE A 201 13.50 10.34 0.48
CA PHE A 201 12.44 11.33 0.35
C PHE A 201 12.99 12.64 -0.19
N GLN A 202 14.15 13.07 0.32
CA GLN A 202 14.72 14.34 -0.12
C GLN A 202 15.14 14.28 -1.59
N GLU A 203 15.55 13.10 -2.08
CA GLU A 203 16.00 13.01 -3.47
C GLU A 203 14.84 13.21 -4.43
N LEU A 204 13.62 12.86 -4.02
CA LEU A 204 12.45 13.01 -4.85
C LEU A 204 11.76 14.36 -4.73
N GLN A 205 12.31 15.29 -3.97
CA GLN A 205 11.63 16.57 -3.77
C GLN A 205 11.60 17.42 -5.03
N PRO A 206 12.66 17.49 -5.81
CA PRO A 206 12.56 18.22 -7.07
C PRO A 206 11.42 17.75 -7.96
N LEU A 207 11.23 16.44 -8.09
CA LEU A 207 10.12 16.01 -8.93
C LEU A 207 8.78 16.38 -8.29
N TYR A 208 8.62 16.11 -6.98
CA TYR A 208 7.31 16.36 -6.37
C TYR A 208 6.99 17.86 -6.36
N LEU A 209 7.95 18.70 -5.99
CA LEU A 209 7.65 20.13 -5.95
C LEU A 209 7.24 20.66 -7.32
N ASN A 210 7.91 20.21 -8.38
CA ASN A 210 7.56 20.69 -9.71
C ASN A 210 6.19 20.16 -10.15
N LEU A 211 5.88 18.89 -9.85
CA LEU A 211 4.56 18.37 -10.20
C LEU A 211 3.46 19.10 -9.45
N HIS A 212 3.68 19.30 -8.15
CA HIS A 212 2.74 20.04 -7.31
C HIS A 212 2.46 21.42 -7.85
N ALA A 213 3.50 22.14 -8.24
CA ALA A 213 3.31 23.51 -8.71
C ALA A 213 2.56 23.55 -10.04
N TYR A 214 2.85 22.58 -10.92
CA TYR A 214 2.15 22.47 -12.22
C TYR A 214 0.67 22.14 -12.03
N VAL A 215 0.37 21.20 -11.14
CA VAL A 215 -1.00 20.81 -10.87
C VAL A 215 -1.76 21.94 -10.18
N ARG A 216 -1.10 22.63 -9.24
CA ARG A 216 -1.74 23.78 -8.60
C ARG A 216 -2.16 24.82 -9.62
N ARG A 217 -1.30 25.11 -10.58
CA ARG A 217 -1.64 26.07 -11.63
C ARG A 217 -2.87 25.63 -12.42
N ALA A 218 -2.91 24.36 -12.82
CA ALA A 218 -4.05 23.82 -13.55
C ALA A 218 -5.33 23.87 -12.72
N LEU A 219 -5.22 23.61 -11.40
CA LEU A 219 -6.40 23.70 -10.54
C LEU A 219 -6.89 25.15 -10.44
N HIS A 220 -5.96 26.09 -10.35
CA HIS A 220 -6.29 27.50 -10.38
C HIS A 220 -7.10 27.85 -11.62
N ARG A 221 -6.71 27.30 -12.79
CA ARG A 221 -7.43 27.56 -14.04
C ARG A 221 -8.85 27.03 -13.98
N HIS A 222 -9.05 25.86 -13.36
CA HIS A 222 -10.39 25.27 -13.41
C HIS A 222 -11.28 25.72 -12.25
N TYR A 223 -10.77 25.75 -11.03
CA TYR A 223 -11.57 26.05 -9.85
C TYR A 223 -11.61 27.54 -9.50
N GLY A 224 -10.74 28.35 -10.08
CA GLY A 224 -10.81 29.80 -9.97
C GLY A 224 -9.77 30.40 -9.02
N ALA A 225 -9.35 31.64 -9.33
CA ALA A 225 -8.34 32.30 -8.52
C ALA A 225 -8.74 32.53 -7.07
N GLN A 226 -10.03 32.67 -6.79
CA GLN A 226 -10.48 32.90 -5.42
C GLN A 226 -10.37 31.65 -4.55
N HIS A 227 -10.10 30.49 -5.14
CA HIS A 227 -10.07 29.21 -4.42
C HIS A 227 -8.73 28.49 -4.45
N ILE A 228 -7.74 29.00 -5.18
CA ILE A 228 -6.42 28.38 -5.30
C ILE A 228 -5.40 29.48 -5.08
N ASN A 229 -4.54 29.31 -4.08
CA ASN A 229 -3.45 30.24 -3.80
C ASN A 229 -2.21 29.69 -4.50
N LEU A 230 -1.65 30.47 -5.44
CA LEU A 230 -0.57 29.96 -6.30
C LEU A 230 0.75 29.84 -5.55
N GLU A 231 0.82 30.35 -4.32
CA GLU A 231 1.99 30.21 -3.48
C GLU A 231 1.67 29.42 -2.23
N GLY A 232 0.54 28.73 -2.19
CA GLY A 232 0.14 28.03 -1.01
C GLY A 232 -0.13 26.56 -1.23
N PRO A 233 -0.58 25.90 -0.18
CA PRO A 233 -0.94 24.49 -0.30
C PRO A 233 -2.26 24.31 -1.05
N ILE A 234 -2.41 23.13 -1.65
CA ILE A 234 -3.56 22.75 -2.48
C ILE A 234 -4.67 22.20 -1.57
N PRO A 235 -5.93 22.64 -1.75
CA PRO A 235 -7.03 22.03 -1.00
C PRO A 235 -7.12 20.54 -1.28
N ALA A 236 -7.26 19.76 -0.20
CA ALA A 236 -7.02 18.33 -0.24
C ALA A 236 -8.12 17.53 -0.93
N HIS A 237 -9.24 18.16 -1.31
CA HIS A 237 -10.33 17.44 -1.93
C HIS A 237 -10.34 17.53 -3.45
N LEU A 238 -9.36 18.16 -4.10
CA LEU A 238 -9.41 18.46 -5.53
C LEU A 238 -8.51 17.57 -6.39
N LEU A 239 -7.93 16.53 -5.83
CA LEU A 239 -6.88 15.76 -6.51
C LEU A 239 -7.38 14.46 -7.09
N GLY A 240 -8.69 14.19 -7.06
CA GLY A 240 -9.28 13.04 -7.72
C GLY A 240 -9.38 11.80 -6.87
N ASN A 241 -8.98 11.89 -5.61
CA ASN A 241 -8.83 10.73 -4.75
C ASN A 241 -9.17 11.14 -3.32
N MET A 242 -9.86 10.26 -2.59
CA MET A 242 -10.35 10.62 -1.27
C MET A 242 -9.25 11.10 -0.32
N TRP A 243 -8.04 10.57 -0.44
CA TRP A 243 -6.92 10.90 0.42
C TRP A 243 -5.85 11.73 -0.29
N ALA A 244 -6.11 12.17 -1.53
CA ALA A 244 -5.14 12.85 -2.37
C ALA A 244 -3.79 12.10 -2.41
N GLN A 245 -3.85 10.78 -2.34
CA GLN A 245 -2.64 9.94 -2.32
C GLN A 245 -2.15 9.62 -3.73
N THR A 246 -3.05 9.60 -4.69
CA THR A 246 -2.72 9.45 -6.11
C THR A 246 -3.62 10.43 -6.84
N TRP A 247 -3.11 11.07 -7.89
CA TRP A 247 -3.75 12.19 -8.57
C TRP A 247 -4.16 11.87 -10.00
N SER A 248 -4.13 10.60 -10.40
CA SER A 248 -4.29 10.26 -11.82
C SER A 248 -5.69 10.58 -12.32
N ASN A 249 -6.70 10.70 -11.44
CA ASN A 249 -8.05 10.93 -11.92
C ASN A 249 -8.28 12.36 -12.38
N ILE A 250 -7.38 13.30 -12.08
CA ILE A 250 -7.48 14.65 -12.65
C ILE A 250 -6.51 14.85 -13.81
N TYR A 251 -6.10 13.76 -14.46
CA TYR A 251 -5.30 13.86 -15.68
C TYR A 251 -5.96 14.80 -16.68
N ASP A 252 -7.29 14.72 -16.84
CA ASP A 252 -7.98 15.54 -17.83
C ASP A 252 -7.85 17.04 -17.57
N LEU A 253 -7.60 17.45 -16.32
CA LEU A 253 -7.37 18.84 -15.99
C LEU A 253 -5.93 19.30 -16.18
N VAL A 254 -4.96 18.38 -16.32
CA VAL A 254 -3.55 18.76 -16.36
C VAL A 254 -2.78 18.23 -17.55
N VAL A 255 -3.46 17.76 -18.60
CA VAL A 255 -2.81 17.18 -19.76
C VAL A 255 -1.70 18.09 -20.30
N PRO A 256 -0.46 17.61 -20.42
CA PRO A 256 0.60 18.49 -20.94
C PRO A 256 0.37 18.93 -22.37
N PHE A 257 -0.09 18.01 -23.21
CA PHE A 257 -0.29 18.28 -24.63
C PHE A 257 -1.70 17.87 -25.00
N PRO A 258 -2.68 18.74 -24.78
CA PRO A 258 -4.06 18.40 -25.15
C PRO A 258 -4.27 18.11 -26.63
N SER A 259 -3.34 18.53 -27.50
CA SER A 259 -3.44 18.24 -28.92
C SER A 259 -3.06 16.80 -29.25
N ALA A 260 -2.62 16.03 -28.26
CA ALA A 260 -2.27 14.62 -28.40
C ALA A 260 -3.18 13.84 -27.45
N PRO A 261 -4.45 13.75 -27.78
CA PRO A 261 -5.41 13.07 -26.89
C PRO A 261 -5.26 11.56 -26.95
N SER A 262 -5.77 10.91 -25.92
CA SER A 262 -5.60 9.48 -25.72
C SER A 262 -6.91 8.87 -25.26
N MET A 263 -7.16 7.62 -25.67
CA MET A 263 -8.31 6.90 -25.13
C MET A 263 -8.17 6.77 -23.62
N ASP A 264 -9.27 6.97 -22.90
CA ASP A 264 -9.28 6.63 -21.48
C ASP A 264 -9.30 5.11 -21.33
N THR A 265 -8.32 4.54 -20.62
CA THR A 265 -8.26 3.10 -20.52
C THR A 265 -9.58 2.54 -19.98
N THR A 266 -9.98 3.00 -18.80
CA THR A 266 -11.25 2.57 -18.18
C THR A 266 -12.42 2.54 -19.18
N GLU A 267 -12.57 3.59 -19.97
CA GLU A 267 -13.69 3.62 -20.91
C GLU A 267 -13.62 2.49 -21.94
N ALA A 268 -12.40 2.19 -22.42
CA ALA A 268 -12.22 1.16 -23.43
C ALA A 268 -12.40 -0.25 -22.86
N MET A 269 -12.03 -0.46 -21.60
CA MET A 269 -12.25 -1.75 -20.96
C MET A 269 -13.74 -2.09 -20.93
N LEU A 270 -14.58 -1.13 -20.51
CA LEU A 270 -16.00 -1.41 -20.44
C LEU A 270 -16.60 -1.61 -21.83
N LYS A 271 -16.22 -0.74 -22.78
CA LYS A 271 -16.70 -0.91 -24.15
C LYS A 271 -16.38 -2.29 -24.70
N GLN A 272 -15.30 -2.92 -24.24
CA GLN A 272 -14.85 -4.20 -24.77
C GLN A 272 -15.16 -5.38 -23.86
N GLY A 273 -16.04 -5.17 -22.89
CA GLY A 273 -16.51 -6.28 -22.07
C GLY A 273 -15.48 -6.95 -21.21
N TRP A 274 -14.47 -6.22 -20.76
CA TRP A 274 -13.59 -6.76 -19.73
C TRP A 274 -14.39 -7.06 -18.47
N THR A 275 -13.95 -8.07 -17.74
CA THR A 275 -14.56 -8.54 -16.51
C THR A 275 -13.47 -8.63 -15.47
N PRO A 276 -13.81 -8.60 -14.19
CA PRO A 276 -12.79 -8.85 -13.17
C PRO A 276 -11.97 -10.11 -13.42
N ARG A 277 -12.61 -11.19 -13.86
CA ARG A 277 -11.85 -12.41 -14.09
C ARG A 277 -10.82 -12.21 -15.20
N ARG A 278 -11.22 -11.55 -16.27
CA ARG A 278 -10.27 -11.30 -17.36
C ARG A 278 -9.08 -10.49 -16.87
N MET A 279 -9.30 -9.55 -15.94
CA MET A 279 -8.22 -8.72 -15.41
C MET A 279 -7.19 -9.55 -14.67
N PHE A 280 -7.66 -10.52 -13.87
CA PHE A 280 -6.73 -11.40 -13.16
C PHE A 280 -6.12 -12.43 -14.09
N LYS A 281 -6.83 -12.85 -15.15
CA LYS A 281 -6.21 -13.77 -16.12
C LYS A 281 -5.07 -13.09 -16.87
N GLU A 282 -5.21 -11.81 -17.21
CA GLU A 282 -4.11 -11.11 -17.88
C GLU A 282 -2.89 -11.00 -16.96
N ALA A 283 -3.13 -10.74 -15.67
CA ALA A 283 -2.02 -10.69 -14.72
C ALA A 283 -1.31 -12.04 -14.61
N ASP A 284 -2.08 -13.12 -14.55
CA ASP A 284 -1.49 -14.46 -14.51
C ASP A 284 -0.65 -14.72 -15.74
N ASP A 285 -1.12 -14.27 -16.91
CA ASP A 285 -0.36 -14.51 -18.14
C ASP A 285 0.95 -13.74 -18.15
N PHE A 286 0.97 -12.53 -17.60
CA PHE A 286 2.23 -11.77 -17.54
C PHE A 286 3.25 -12.50 -16.68
N PHE A 287 2.84 -12.98 -15.49
CA PHE A 287 3.78 -13.74 -14.67
C PHE A 287 4.30 -14.99 -15.39
N THR A 288 3.41 -15.75 -16.04
CA THR A 288 3.90 -16.97 -16.70
C THR A 288 4.74 -16.63 -17.93
N SER A 289 4.52 -15.49 -18.57
CA SER A 289 5.36 -15.10 -19.69
C SER A 289 6.81 -14.91 -19.24
N LEU A 290 7.03 -14.55 -17.97
CA LEU A 290 8.38 -14.40 -17.45
C LEU A 290 9.00 -15.73 -17.01
N GLY A 291 8.30 -16.84 -17.18
CA GLY A 291 8.74 -18.10 -16.65
C GLY A 291 8.37 -18.33 -15.20
N LEU A 292 7.62 -17.41 -14.60
CA LEU A 292 7.22 -17.56 -13.20
C LEU A 292 6.03 -18.51 -13.12
N LEU A 293 5.54 -18.74 -11.91
CA LEU A 293 4.58 -19.81 -11.68
C LEU A 293 3.15 -19.36 -11.97
N PRO A 294 2.31 -20.23 -12.50
CA PRO A 294 0.89 -19.90 -12.60
C PRO A 294 0.18 -20.13 -11.28
N VAL A 295 -0.89 -19.37 -11.06
CA VAL A 295 -1.69 -19.63 -9.86
C VAL A 295 -2.39 -20.98 -10.02
N PRO A 296 -2.59 -21.75 -8.95
CA PRO A 296 -3.19 -23.07 -9.08
C PRO A 296 -4.66 -22.96 -9.45
N PRO A 297 -5.24 -24.03 -9.96
CA PRO A 297 -6.69 -24.06 -10.17
C PRO A 297 -7.51 -23.70 -8.93
N GLU A 298 -7.05 -24.10 -7.75
CA GLU A 298 -7.80 -23.82 -6.52
C GLU A 298 -8.03 -22.32 -6.34
N PHE A 299 -7.08 -21.51 -6.76
CA PHE A 299 -7.20 -20.05 -6.64
C PHE A 299 -8.44 -19.52 -7.35
N TRP A 300 -8.71 -20.01 -8.57
CA TRP A 300 -9.85 -19.47 -9.32
C TRP A 300 -11.17 -19.88 -8.68
N GLN A 301 -11.19 -21.02 -8.00
CA GLN A 301 -12.42 -21.51 -7.39
C GLN A 301 -12.73 -20.82 -6.08
N LYS A 302 -11.72 -20.40 -5.32
CA LYS A 302 -11.93 -19.96 -3.95
C LYS A 302 -11.76 -18.46 -3.74
N SER A 303 -11.16 -17.75 -4.68
CA SER A 303 -10.96 -16.31 -4.52
C SER A 303 -12.28 -15.55 -4.69
N MET A 304 -12.34 -14.38 -4.06
CA MET A 304 -13.46 -13.43 -4.21
C MET A 304 -12.92 -12.26 -5.03
N LEU A 305 -13.21 -12.25 -6.35
CA LEU A 305 -12.65 -11.25 -7.25
C LEU A 305 -13.63 -10.13 -7.59
N GLU A 306 -14.82 -10.12 -7.00
CA GLU A 306 -15.76 -9.03 -7.16
C GLU A 306 -16.66 -8.94 -5.95
N LYS A 307 -17.17 -7.74 -5.69
CA LYS A 307 -18.07 -7.52 -4.56
C LYS A 307 -19.26 -8.46 -4.65
N PRO A 308 -19.71 -9.02 -3.51
CA PRO A 308 -20.88 -9.90 -3.54
C PRO A 308 -22.13 -9.19 -4.04
N THR A 309 -23.03 -9.97 -4.64
CA THR A 309 -24.31 -9.45 -5.09
C THR A 309 -25.46 -9.77 -4.13
N ASP A 310 -25.21 -10.56 -3.08
CA ASP A 310 -26.28 -11.11 -2.24
C ASP A 310 -26.47 -10.36 -0.93
N GLY A 311 -25.99 -9.12 -0.83
CA GLY A 311 -26.21 -8.29 0.33
C GLY A 311 -25.10 -8.32 1.38
N ARG A 312 -24.22 -9.31 1.35
CA ARG A 312 -23.19 -9.44 2.38
C ARG A 312 -22.44 -8.12 2.56
N GLU A 313 -22.27 -7.72 3.83
CA GLU A 313 -21.24 -6.75 4.15
C GLU A 313 -19.90 -7.47 4.07
N VAL A 314 -18.90 -6.83 3.45
CA VAL A 314 -17.56 -7.40 3.40
C VAL A 314 -16.55 -6.30 3.62
N VAL A 315 -15.33 -6.71 3.93
CA VAL A 315 -14.18 -5.84 3.76
C VAL A 315 -13.88 -5.85 2.27
N CYS A 316 -14.05 -4.71 1.62
CA CYS A 316 -13.78 -4.63 0.19
C CYS A 316 -12.33 -4.35 -0.13
N HIS A 317 -11.51 -4.06 0.86
CA HIS A 317 -10.14 -3.67 0.58
C HIS A 317 -9.36 -4.83 -0.03
N ALA A 318 -8.67 -4.56 -1.13
CA ALA A 318 -7.98 -5.61 -1.87
C ALA A 318 -6.85 -6.21 -1.02
N SER A 319 -6.76 -7.53 -0.99
CA SER A 319 -5.74 -8.22 -0.20
C SER A 319 -5.49 -9.62 -0.75
N ALA A 320 -4.33 -10.18 -0.38
CA ALA A 320 -3.90 -11.51 -0.80
C ALA A 320 -3.65 -12.37 0.43
N TRP A 321 -3.98 -13.66 0.31
CA TRP A 321 -4.13 -14.57 1.45
C TRP A 321 -3.34 -15.85 1.20
N ASP A 322 -2.42 -16.14 2.12
CA ASP A 322 -1.67 -17.39 2.17
C ASP A 322 -2.26 -18.25 3.28
N PHE A 323 -2.66 -19.47 2.95
CA PHE A 323 -3.29 -20.35 3.93
C PHE A 323 -2.33 -21.35 4.57
N TYR A 324 -1.03 -21.21 4.31
CA TYR A 324 0.05 -21.91 5.02
C TYR A 324 -0.03 -23.41 4.87
N ASN A 325 -0.53 -23.89 3.73
CA ASN A 325 -0.40 -25.30 3.36
C ASN A 325 0.30 -25.49 2.02
N GLY A 326 0.80 -24.43 1.40
CA GLY A 326 1.57 -24.56 0.17
C GLY A 326 0.76 -24.85 -1.06
N LYS A 327 -0.57 -24.75 -0.97
CA LYS A 327 -1.48 -25.08 -2.07
C LYS A 327 -2.66 -24.13 -2.22
N ASP A 328 -3.12 -23.50 -1.15
CA ASP A 328 -4.32 -22.66 -1.15
C ASP A 328 -3.87 -21.20 -1.01
N PHE A 329 -4.06 -20.43 -2.08
CA PHE A 329 -3.72 -19.01 -2.13
C PHE A 329 -4.90 -18.27 -2.75
N ARG A 330 -5.25 -17.08 -2.24
CA ARG A 330 -6.49 -16.43 -2.65
C ARG A 330 -6.36 -14.92 -2.64
N ILE A 331 -7.13 -14.26 -3.51
CA ILE A 331 -7.28 -12.81 -3.52
C ILE A 331 -8.72 -12.46 -3.12
N LYS A 332 -8.87 -11.37 -2.37
CA LYS A 332 -10.16 -10.80 -1.99
C LYS A 332 -10.14 -9.36 -2.43
N GLN A 333 -10.95 -9.04 -3.45
CA GLN A 333 -10.95 -7.72 -4.07
C GLN A 333 -12.34 -7.43 -4.59
N CYS A 334 -12.85 -6.23 -4.29
CA CYS A 334 -14.12 -5.75 -4.84
C CYS A 334 -13.82 -5.04 -6.16
N THR A 335 -13.44 -5.84 -7.15
CA THR A 335 -12.81 -5.33 -8.36
C THR A 335 -13.82 -4.54 -9.19
N THR A 336 -13.43 -3.33 -9.59
CA THR A 336 -14.17 -2.54 -10.57
C THR A 336 -13.40 -2.54 -11.88
N VAL A 337 -14.12 -2.57 -12.99
CA VAL A 337 -13.49 -2.66 -14.31
C VAL A 337 -12.97 -1.29 -14.69
N ASN A 338 -11.72 -1.01 -14.34
CA ASN A 338 -11.05 0.22 -14.74
C ASN A 338 -9.55 -0.02 -14.64
N LEU A 339 -8.78 0.99 -15.05
CA LEU A 339 -7.33 0.83 -15.10
C LEU A 339 -6.73 0.76 -13.70
N GLU A 340 -7.25 1.56 -12.76
CA GLU A 340 -6.68 1.52 -11.42
C GLU A 340 -6.75 0.12 -10.83
N ASP A 341 -7.89 -0.55 -10.99
CA ASP A 341 -8.07 -1.90 -10.47
C ASP A 341 -7.35 -2.96 -11.29
N LEU A 342 -7.11 -2.71 -12.58
CA LEU A 342 -6.18 -3.57 -13.32
C LEU A 342 -4.80 -3.55 -12.66
N VAL A 343 -4.34 -2.38 -12.23
CA VAL A 343 -3.03 -2.33 -11.59
C VAL A 343 -3.09 -2.98 -10.22
N VAL A 344 -4.16 -2.73 -9.47
CA VAL A 344 -4.31 -3.38 -8.17
C VAL A 344 -4.30 -4.89 -8.34
N ALA A 345 -4.96 -5.39 -9.38
CA ALA A 345 -5.00 -6.83 -9.58
C ALA A 345 -3.59 -7.40 -9.77
N HIS A 346 -2.74 -6.70 -10.53
CA HIS A 346 -1.35 -7.13 -10.68
C HIS A 346 -0.61 -7.04 -9.34
N HIS A 347 -0.84 -5.96 -8.57
CA HIS A 347 -0.28 -5.84 -7.23
C HIS A 347 -0.57 -7.08 -6.39
N GLU A 348 -1.83 -7.49 -6.34
CA GLU A 348 -2.22 -8.65 -5.53
C GLU A 348 -1.66 -9.96 -6.10
N MET A 349 -1.62 -10.10 -7.42
CA MET A 349 -1.05 -11.31 -8.00
C MET A 349 0.45 -11.42 -7.72
N GLY A 350 1.12 -10.29 -7.50
CA GLY A 350 2.53 -10.34 -7.11
C GLY A 350 2.69 -10.95 -5.74
N HIS A 351 1.74 -10.69 -4.85
CA HIS A 351 1.74 -11.32 -3.53
C HIS A 351 1.59 -12.82 -3.68
N ILE A 352 0.65 -13.25 -4.50
CA ILE A 352 0.43 -14.68 -4.71
C ILE A 352 1.70 -15.32 -5.26
N GLN A 353 2.38 -14.62 -6.17
CA GLN A 353 3.58 -15.21 -6.74
C GLN A 353 4.63 -15.39 -5.66
N TYR A 354 4.81 -14.40 -4.80
CA TYR A 354 5.73 -14.51 -3.68
C TYR A 354 5.37 -15.69 -2.78
N PHE A 355 4.07 -15.83 -2.42
CA PHE A 355 3.61 -16.97 -1.63
C PHE A 355 4.06 -18.29 -2.24
N MET A 356 3.87 -18.42 -3.56
CA MET A 356 4.21 -19.64 -4.27
C MET A 356 5.71 -19.86 -4.36
N GLN A 357 6.50 -18.78 -4.46
CA GLN A 357 7.94 -18.95 -4.60
C GLN A 357 8.58 -19.42 -3.30
N TYR A 358 8.09 -18.94 -2.15
CA TYR A 358 8.70 -19.31 -0.87
C TYR A 358 7.89 -20.33 -0.08
N LYS A 359 7.00 -21.07 -0.74
CA LYS A 359 6.14 -22.01 -0.02
C LYS A 359 6.86 -23.22 0.59
N ASP A 360 8.11 -23.50 0.21
CA ASP A 360 8.83 -24.64 0.77
C ASP A 360 9.77 -24.26 1.91
N LEU A 361 9.83 -23.00 2.27
CA LEU A 361 10.57 -22.61 3.46
C LEU A 361 9.77 -22.92 4.71
N PRO A 362 10.45 -23.01 5.86
CA PRO A 362 9.73 -23.01 7.14
C PRO A 362 8.78 -21.81 7.20
N VAL A 363 7.61 -21.99 7.83
CA VAL A 363 6.57 -20.95 7.78
C VAL A 363 7.06 -19.67 8.45
N ALA A 364 7.93 -19.78 9.45
CA ALA A 364 8.48 -18.58 10.08
C ALA A 364 9.21 -17.70 9.08
N LEU A 365 9.71 -18.27 8.00
CA LEU A 365 10.46 -17.54 6.98
C LEU A 365 9.62 -17.27 5.73
N ARG A 366 8.33 -17.57 5.76
CA ARG A 366 7.45 -17.32 4.60
C ARG A 366 6.91 -15.89 4.65
N GLU A 367 7.79 -14.96 4.33
CA GLU A 367 7.47 -13.55 4.21
C GLU A 367 8.45 -12.97 3.19
N GLY A 368 8.22 -11.73 2.81
CA GLY A 368 9.12 -11.10 1.85
C GLY A 368 10.45 -10.73 2.49
N ALA A 369 11.46 -10.48 1.67
CA ALA A 369 12.77 -10.09 2.22
C ALA A 369 12.63 -8.96 3.24
N ASN A 370 11.81 -7.96 2.93
CA ASN A 370 11.26 -7.04 3.93
C ASN A 370 9.88 -6.67 3.45
N PRO A 371 9.08 -5.98 4.29
CA PRO A 371 7.67 -5.75 3.90
C PRO A 371 7.52 -4.98 2.60
N GLY A 372 8.50 -4.12 2.27
CA GLY A 372 8.45 -3.39 1.01
C GLY A 372 8.61 -4.29 -0.20
N PHE A 373 9.52 -5.27 -0.13
CA PHE A 373 9.61 -6.27 -1.19
C PHE A 373 8.28 -6.96 -1.48
N HIS A 374 7.54 -7.33 -0.42
CA HIS A 374 6.27 -8.00 -0.68
C HIS A 374 5.33 -7.10 -1.47
N GLU A 375 5.31 -5.82 -1.17
CA GLU A 375 4.37 -4.94 -1.86
C GLU A 375 4.82 -4.57 -3.27
N ALA A 376 6.05 -4.91 -3.65
CA ALA A 376 6.64 -4.33 -4.83
C ALA A 376 6.52 -5.19 -6.08
N ILE A 377 6.41 -6.51 -5.92
CA ILE A 377 6.57 -7.45 -7.04
C ILE A 377 5.55 -7.18 -8.15
N GLY A 378 4.28 -7.11 -7.78
CA GLY A 378 3.23 -6.95 -8.76
C GLY A 378 3.30 -5.59 -9.44
N ASP A 379 3.65 -4.56 -8.66
CA ASP A 379 3.83 -3.20 -9.18
C ASP A 379 4.89 -3.15 -10.26
N VAL A 380 5.95 -3.96 -10.13
CA VAL A 380 6.98 -3.98 -11.18
C VAL A 380 6.38 -4.41 -12.52
N LEU A 381 5.59 -5.48 -12.52
CA LEU A 381 5.05 -5.95 -13.79
C LEU A 381 4.05 -4.95 -14.33
N ALA A 382 3.30 -4.32 -13.44
CA ALA A 382 2.30 -3.32 -13.85
C ALA A 382 2.93 -2.09 -14.51
N LEU A 383 4.17 -1.76 -14.16
CA LEU A 383 4.85 -0.70 -14.89
C LEU A 383 4.96 -1.03 -16.38
N SER A 384 5.26 -2.29 -16.70
CA SER A 384 5.29 -2.71 -18.11
C SER A 384 3.90 -2.73 -18.72
N VAL A 385 2.91 -3.17 -17.94
CA VAL A 385 1.52 -3.25 -18.44
C VAL A 385 1.02 -1.87 -18.82
N SER A 386 1.41 -0.84 -18.04
CA SER A 386 0.91 0.51 -18.21
C SER A 386 1.52 1.23 -19.40
N THR A 387 2.55 0.69 -20.06
CA THR A 387 3.14 1.44 -21.16
C THR A 387 2.16 1.55 -22.34
N PRO A 388 2.18 2.65 -23.08
CA PRO A 388 1.27 2.74 -24.23
C PRO A 388 1.40 1.54 -25.15
N LYS A 389 2.61 1.00 -25.30
CA LYS A 389 2.80 -0.14 -26.21
C LYS A 389 2.01 -1.35 -25.72
N HIS A 390 2.09 -1.66 -24.43
CA HIS A 390 1.38 -2.80 -23.91
C HIS A 390 -0.14 -2.56 -23.94
N LEU A 391 -0.58 -1.36 -23.56
CA LEU A 391 -2.01 -1.10 -23.54
C LEU A 391 -2.60 -1.18 -24.93
N HIS A 392 -1.85 -0.75 -25.95
CA HIS A 392 -2.36 -0.89 -27.31
C HIS A 392 -2.46 -2.34 -27.71
N SER A 393 -1.53 -3.20 -27.25
CA SER A 393 -1.61 -4.64 -27.57
C SER A 393 -2.81 -5.31 -26.87
N LEU A 394 -3.32 -4.69 -25.81
CA LEU A 394 -4.57 -5.08 -25.18
C LEU A 394 -5.82 -4.47 -25.83
N ASN A 395 -5.64 -3.66 -26.88
CA ASN A 395 -6.74 -2.93 -27.54
C ASN A 395 -7.41 -1.91 -26.61
N LEU A 396 -6.63 -1.27 -25.76
CA LEU A 396 -7.11 -0.25 -24.84
C LEU A 396 -6.57 1.13 -25.17
N LEU A 397 -5.83 1.27 -26.25
CA LEU A 397 -5.17 2.52 -26.60
C LEU A 397 -4.86 2.45 -28.08
N SER A 398 -5.00 3.56 -28.79
CA SER A 398 -4.48 3.59 -30.16
C SER A 398 -2.96 3.64 -30.13
N SER A 399 -2.36 3.45 -31.31
CA SER A 399 -0.90 3.47 -31.42
C SER A 399 -0.38 4.90 -31.32
N GLU A 400 0.70 5.10 -30.54
CA GLU A 400 1.25 6.43 -30.28
C GLU A 400 2.33 6.82 -31.30
N GLY A 401 3.27 5.92 -31.55
CA GLY A 401 4.23 6.14 -32.62
C GLY A 401 5.40 7.01 -32.26
N GLY A 402 5.80 7.03 -30.98
CA GLY A 402 6.98 7.74 -30.57
C GLY A 402 6.83 9.25 -30.48
N SER A 403 5.65 9.79 -30.83
CA SER A 403 5.33 11.19 -30.60
C SER A 403 5.87 11.67 -29.25
N ASP A 404 6.63 12.77 -29.27
CA ASP A 404 7.10 13.35 -28.02
C ASP A 404 5.93 13.85 -27.17
N GLU A 405 4.90 14.38 -27.80
CA GLU A 405 3.77 14.84 -27.01
C GLU A 405 3.10 13.68 -26.29
N HIS A 406 2.87 12.56 -26.99
CA HIS A 406 2.27 11.41 -26.33
C HIS A 406 3.18 10.89 -25.23
N ASP A 407 4.49 11.02 -25.43
CA ASP A 407 5.45 10.50 -24.47
C ASP A 407 5.42 11.32 -23.18
N ILE A 408 5.36 12.64 -23.29
CA ILE A 408 5.27 13.47 -22.09
C ILE A 408 3.92 13.29 -21.42
N ASN A 409 2.85 13.14 -22.21
CA ASN A 409 1.54 12.85 -21.64
C ASN A 409 1.54 11.55 -20.84
N PHE A 410 2.17 10.50 -21.36
CA PHE A 410 2.27 9.23 -20.62
C PHE A 410 3.05 9.40 -19.31
N LEU A 411 4.18 10.08 -19.36
CA LEU A 411 4.95 10.30 -18.14
C LEU A 411 4.16 11.09 -17.11
N MET A 412 3.33 12.05 -17.54
CA MET A 412 2.51 12.79 -16.57
C MET A 412 1.51 11.85 -15.90
N LYS A 413 0.85 11.01 -16.70
CA LYS A 413 -0.10 10.05 -16.13
C LYS A 413 0.58 9.19 -15.08
N MET A 414 1.80 8.70 -15.38
CA MET A 414 2.53 7.87 -14.42
C MET A 414 2.94 8.69 -13.20
N ALA A 415 3.34 9.93 -13.41
CA ALA A 415 3.75 10.75 -12.27
C ALA A 415 2.60 11.02 -11.30
N LEU A 416 1.41 11.27 -11.83
CA LEU A 416 0.26 11.54 -10.99
C LEU A 416 -0.04 10.38 -10.05
N ASP A 417 0.34 9.17 -10.44
CA ASP A 417 0.18 8.02 -9.56
C ASP A 417 1.42 7.88 -8.66
N LYS A 418 2.59 7.76 -9.26
CA LYS A 418 3.79 7.35 -8.54
C LYS A 418 4.47 8.48 -7.77
N ILE A 419 4.65 9.66 -8.39
CA ILE A 419 5.35 10.74 -7.69
C ILE A 419 4.45 11.34 -6.60
N ALA A 420 3.16 11.53 -6.91
CA ALA A 420 2.28 12.14 -5.90
C ALA A 420 2.15 11.26 -4.67
N PHE A 421 2.27 9.95 -4.82
CA PHE A 421 2.14 9.04 -3.68
C PHE A 421 3.33 9.06 -2.74
N ILE A 422 4.51 9.50 -3.20
CA ILE A 422 5.71 9.40 -2.35
C ILE A 422 5.54 10.15 -1.05
N PRO A 423 5.16 11.41 -1.01
CA PRO A 423 5.04 12.10 0.28
C PRO A 423 3.93 11.56 1.13
N PHE A 424 2.82 11.12 0.54
CA PHE A 424 1.75 10.52 1.34
C PHE A 424 2.26 9.25 2.01
N SER A 425 2.98 8.41 1.26
CA SER A 425 3.39 7.15 1.85
C SER A 425 4.45 7.35 2.89
N TYR A 426 5.19 8.45 2.81
CA TYR A 426 6.15 8.79 3.84
C TYR A 426 5.45 9.23 5.13
N LEU A 427 4.41 10.03 5.00
CA LEU A 427 3.93 10.71 6.21
C LEU A 427 3.02 9.85 7.08
N VAL A 428 2.38 8.82 6.54
CA VAL A 428 1.40 8.09 7.35
C VAL A 428 2.09 7.52 8.59
N ASP A 429 3.21 6.83 8.42
CA ASP A 429 3.86 6.30 9.58
C ASP A 429 4.79 7.28 10.26
N GLN A 430 5.18 8.39 9.64
CA GLN A 430 5.78 9.44 10.45
C GLN A 430 4.81 9.82 11.57
N TRP A 431 3.52 9.91 11.24
CA TRP A 431 2.49 10.27 12.20
C TRP A 431 2.31 9.17 13.23
N ARG A 432 2.17 7.94 12.76
CA ARG A 432 1.87 6.84 13.65
C ARG A 432 3.06 6.48 14.54
N TRP A 433 4.28 6.59 14.03
CA TRP A 433 5.44 6.33 14.90
C TRP A 433 5.44 7.29 16.09
N ARG A 434 5.03 8.53 15.87
CA ARG A 434 5.00 9.52 16.93
C ARG A 434 3.80 9.37 17.85
N VAL A 435 2.67 8.85 17.35
CA VAL A 435 1.61 8.44 18.27
C VAL A 435 2.11 7.31 19.17
N PHE A 436 2.75 6.31 18.58
CA PHE A 436 3.18 5.15 19.36
C PHE A 436 4.21 5.53 20.43
N ASP A 437 5.17 6.41 20.08
CA ASP A 437 6.20 6.79 21.05
C ASP A 437 5.74 7.89 21.99
N GLY A 438 4.49 8.32 21.92
CA GLY A 438 3.94 9.25 22.88
C GLY A 438 4.17 10.71 22.60
N SER A 439 4.82 11.05 21.47
CA SER A 439 5.09 12.44 21.09
C SER A 439 3.81 13.17 20.67
N ILE A 440 2.87 12.43 20.11
CA ILE A 440 1.55 12.93 19.74
C ILE A 440 0.55 12.26 20.67
N THR A 441 -0.25 13.05 21.37
CA THR A 441 -1.29 12.52 22.25
C THR A 441 -2.64 12.68 21.57
N LYS A 442 -3.67 12.12 22.19
CA LYS A 442 -5.01 12.26 21.63
C LYS A 442 -5.48 13.71 21.56
N GLU A 443 -4.94 14.59 22.42
CA GLU A 443 -5.26 16.01 22.30
C GLU A 443 -4.84 16.61 20.97
N ASN A 444 -3.82 16.01 20.31
N ASN A 444 -3.81 16.06 20.31
CA ASN A 444 -3.20 16.60 19.13
CA ASN A 444 -3.42 16.67 19.05
C ASN A 444 -3.16 15.66 17.93
C ASN A 444 -3.16 15.65 17.94
N TYR A 445 -3.83 14.50 17.98
CA TYR A 445 -3.84 13.59 16.84
C TYR A 445 -4.03 14.36 15.53
N ASN A 446 -5.13 15.11 15.46
CA ASN A 446 -5.58 15.61 14.17
C ASN A 446 -4.71 16.76 13.72
N GLN A 447 -4.32 17.62 14.67
CA GLN A 447 -3.49 18.77 14.33
C GLN A 447 -2.13 18.33 13.82
N GLU A 448 -1.55 17.31 14.44
CA GLU A 448 -0.25 16.83 13.97
C GLU A 448 -0.34 16.09 12.63
N TRP A 449 -1.47 15.43 12.36
CA TRP A 449 -1.71 14.86 11.05
C TRP A 449 -1.67 15.94 9.98
N TRP A 450 -2.42 17.04 10.20
CA TRP A 450 -2.49 18.11 9.21
C TRP A 450 -1.16 18.85 9.11
N SER A 451 -0.38 18.90 10.19
N SER A 451 -0.37 18.89 10.19
N SER A 451 -0.36 18.90 10.18
CA SER A 451 0.95 19.52 10.12
CA SER A 451 0.95 19.54 10.08
CA SER A 451 0.94 19.57 10.04
C SER A 451 1.83 18.76 9.14
C SER A 451 1.85 18.76 9.13
C SER A 451 1.86 18.77 9.13
N LEU A 452 1.73 17.44 9.14
CA LEU A 452 2.47 16.60 8.21
C LEU A 452 1.89 16.61 6.80
N ARG A 453 0.56 16.63 6.69
CA ARG A 453 -0.06 16.78 5.37
C ARG A 453 0.44 18.06 4.68
N LEU A 454 0.62 19.12 5.46
CA LEU A 454 1.16 20.36 4.94
C LEU A 454 2.65 20.21 4.62
N LYS A 455 3.44 19.77 5.61
CA LYS A 455 4.89 19.75 5.45
C LYS A 455 5.33 18.88 4.29
N TYR A 456 4.77 17.67 4.18
CA TYR A 456 5.20 16.70 3.16
C TYR A 456 4.43 16.80 1.85
N GLN A 457 3.09 16.87 1.88
CA GLN A 457 2.32 16.90 0.66
C GLN A 457 1.98 18.30 0.16
N GLY A 458 2.07 19.32 0.99
CA GLY A 458 1.66 20.64 0.57
C GLY A 458 0.17 20.77 0.35
N LEU A 459 -0.62 20.14 1.21
CA LEU A 459 -2.08 20.19 1.16
C LEU A 459 -2.63 20.89 2.40
N CYS A 460 -3.83 21.41 2.26
CA CYS A 460 -4.57 22.01 3.37
C CYS A 460 -5.98 21.46 3.34
N PRO A 461 -6.64 21.36 4.50
CA PRO A 461 -8.04 20.92 4.51
C PRO A 461 -8.95 22.01 3.96
N PRO A 462 -9.96 21.64 3.17
CA PRO A 462 -10.87 22.66 2.63
C PRO A 462 -11.80 23.25 3.66
N VAL A 463 -12.06 22.53 4.74
CA VAL A 463 -12.92 22.97 5.84
C VAL A 463 -12.09 22.89 7.11
N PRO A 464 -12.02 23.95 7.94
CA PRO A 464 -11.24 23.86 9.17
C PRO A 464 -11.68 22.70 10.06
N ARG A 465 -10.69 21.97 10.57
CA ARG A 465 -11.01 20.84 11.42
C ARG A 465 -11.47 21.33 12.78
N THR A 466 -12.27 20.50 13.44
CA THR A 466 -12.86 20.85 14.73
C THR A 466 -12.55 19.75 15.74
N GLN A 467 -12.73 20.07 17.02
CA GLN A 467 -12.55 19.05 18.05
C GLN A 467 -13.43 17.86 17.76
N GLY A 468 -12.89 16.67 17.94
CA GLY A 468 -13.62 15.46 17.63
C GLY A 468 -13.30 14.86 16.28
N ASP A 469 -12.72 15.63 15.38
CA ASP A 469 -12.31 15.07 14.12
C ASP A 469 -11.14 14.12 14.35
N PHE A 470 -11.03 13.10 13.49
CA PHE A 470 -9.93 12.13 13.54
C PHE A 470 -9.75 11.65 12.09
N ASP A 471 -9.24 12.56 11.27
CA ASP A 471 -9.12 12.29 9.84
C ASP A 471 -8.24 11.09 9.54
N PRO A 472 -7.18 10.79 10.32
CA PRO A 472 -6.47 9.51 10.06
C PRO A 472 -7.38 8.29 10.07
N GLY A 473 -8.41 8.30 10.91
CA GLY A 473 -9.34 7.19 10.99
C GLY A 473 -10.10 6.92 9.71
N ALA A 474 -10.11 7.89 8.80
CA ALA A 474 -10.81 7.77 7.54
C ALA A 474 -9.96 7.13 6.45
N LYS A 475 -8.78 6.61 6.79
CA LYS A 475 -7.89 5.92 5.87
C LYS A 475 -7.76 4.49 6.36
N PHE A 476 -8.08 3.54 5.47
CA PHE A 476 -8.19 2.13 5.83
C PHE A 476 -7.13 1.60 6.78
N HIS A 477 -5.87 1.85 6.46
CA HIS A 477 -4.77 1.22 7.17
C HIS A 477 -4.68 1.63 8.64
N ILE A 478 -5.29 2.74 9.04
CA ILE A 478 -5.23 3.22 10.43
C ILE A 478 -6.14 2.36 11.30
N PRO A 479 -7.45 2.28 11.04
CA PRO A 479 -8.29 1.36 11.82
C PRO A 479 -7.92 -0.11 11.65
N SER A 480 -7.34 -0.50 10.53
CA SER A 480 -7.00 -1.90 10.33
C SER A 480 -5.59 -2.21 10.81
N SER A 481 -4.82 -1.23 11.25
CA SER A 481 -3.52 -1.48 11.86
C SER A 481 -2.61 -2.23 10.88
N VAL A 482 -2.54 -1.70 9.67
CA VAL A 482 -1.62 -2.18 8.63
C VAL A 482 -0.51 -1.16 8.50
N PRO A 483 0.75 -1.52 8.74
CA PRO A 483 1.84 -0.57 8.53
C PRO A 483 1.88 -0.01 7.13
N TYR A 484 2.42 1.20 7.02
CA TYR A 484 2.37 1.93 5.77
C TYR A 484 3.74 2.25 5.15
N ILE A 485 4.83 2.28 5.91
CA ILE A 485 6.12 2.64 5.32
C ILE A 485 6.52 1.63 4.23
N ARG A 486 6.01 0.40 4.30
CA ARG A 486 6.22 -0.60 3.26
C ARG A 486 5.88 -0.08 1.86
N TYR A 487 4.89 0.83 1.72
CA TYR A 487 4.49 1.33 0.41
C TYR A 487 5.44 2.39 -0.10
N PHE A 488 6.04 3.17 0.82
CA PHE A 488 7.09 4.10 0.42
C PHE A 488 8.29 3.32 -0.10
N VAL A 489 8.73 2.33 0.69
CA VAL A 489 9.83 1.48 0.25
C VAL A 489 9.51 0.83 -1.09
N SER A 490 8.30 0.26 -1.19
CA SER A 490 7.88 -0.41 -2.42
C SER A 490 7.96 0.52 -3.63
N PHE A 491 7.50 1.76 -3.48
CA PHE A 491 7.48 2.65 -4.63
C PHE A 491 8.90 3.05 -5.06
N ILE A 492 9.85 3.10 -4.14
CA ILE A 492 11.21 3.36 -4.54
C ILE A 492 11.82 2.14 -5.24
N ILE A 493 11.75 0.98 -4.57
CA ILE A 493 12.49 -0.17 -5.10
C ILE A 493 11.81 -0.77 -6.33
N GLN A 494 10.52 -0.51 -6.56
CA GLN A 494 9.92 -1.09 -7.77
C GLN A 494 10.57 -0.48 -9.02
N PHE A 495 11.01 0.78 -8.96
CA PHE A 495 11.71 1.34 -10.11
C PHE A 495 13.13 0.79 -10.21
N GLN A 496 13.77 0.53 -9.06
CA GLN A 496 15.04 -0.17 -9.14
C GLN A 496 14.89 -1.53 -9.82
N PHE A 497 13.84 -2.26 -9.47
CA PHE A 497 13.66 -3.59 -10.01
C PHE A 497 13.32 -3.52 -11.50
N HIS A 498 12.47 -2.58 -11.89
CA HIS A 498 12.17 -2.37 -13.31
C HIS A 498 13.44 -2.09 -14.12
N GLU A 499 14.29 -1.19 -13.65
CA GLU A 499 15.52 -0.88 -14.36
C GLU A 499 16.42 -2.10 -14.48
N ALA A 500 16.60 -2.85 -13.40
CA ALA A 500 17.44 -4.05 -13.47
C ALA A 500 16.83 -5.11 -14.40
N LEU A 501 15.51 -5.30 -14.34
CA LEU A 501 14.91 -6.33 -15.20
C LEU A 501 14.93 -5.90 -16.66
N CYS A 502 14.74 -4.61 -16.92
CA CYS A 502 14.83 -4.11 -18.28
C CYS A 502 16.22 -4.33 -18.84
N GLN A 503 17.25 -4.08 -18.03
CA GLN A 503 18.62 -4.37 -18.46
C GLN A 503 18.83 -5.86 -18.68
N ALA A 504 18.34 -6.71 -17.76
CA ALA A 504 18.46 -8.15 -17.96
C ALA A 504 17.82 -8.61 -19.27
N ALA A 505 16.75 -7.95 -19.70
CA ALA A 505 16.05 -8.29 -20.94
C ALA A 505 16.66 -7.65 -22.18
N GLY A 506 17.71 -6.84 -22.01
CA GLY A 506 18.39 -6.23 -23.15
C GLY A 506 17.75 -4.95 -23.66
N HIS A 507 16.86 -4.33 -22.89
CA HIS A 507 16.23 -3.11 -23.35
C HIS A 507 17.28 -2.00 -23.38
N THR A 508 17.24 -1.21 -24.44
CA THR A 508 18.06 -0.02 -24.56
C THR A 508 17.13 1.16 -24.74
N GLY A 509 17.64 2.34 -24.47
CA GLY A 509 16.85 3.54 -24.59
C GLY A 509 16.13 3.88 -23.30
N PRO A 510 15.24 4.85 -23.37
CA PRO A 510 14.65 5.40 -22.15
C PRO A 510 13.96 4.34 -21.32
N LEU A 511 14.17 4.42 -20.00
CA LEU A 511 13.64 3.40 -19.11
C LEU A 511 12.12 3.31 -19.17
N HIS A 512 11.43 4.44 -19.33
CA HIS A 512 9.98 4.40 -19.30
C HIS A 512 9.36 3.78 -20.55
N LYS A 513 10.17 3.47 -21.58
CA LYS A 513 9.68 2.76 -22.76
C LYS A 513 9.84 1.25 -22.64
N CYS A 514 10.41 0.76 -21.55
CA CYS A 514 10.65 -0.66 -21.38
C CYS A 514 9.36 -1.42 -21.07
N ASP A 515 9.23 -2.60 -21.67
CA ASP A 515 8.15 -3.57 -21.38
C ASP A 515 8.78 -4.97 -21.29
N ILE A 516 8.80 -5.57 -20.11
CA ILE A 516 9.53 -6.82 -19.92
C ILE A 516 8.70 -8.05 -20.26
N TYR A 517 7.54 -7.86 -20.87
CA TYR A 517 6.69 -8.98 -21.24
C TYR A 517 7.46 -10.08 -21.95
N GLN A 518 7.29 -11.31 -21.45
CA GLN A 518 7.87 -12.56 -21.95
C GLN A 518 9.38 -12.67 -21.74
N SER A 519 10.00 -11.87 -20.88
CA SER A 519 11.45 -11.98 -20.70
C SER A 519 11.77 -13.05 -19.66
N LYS A 520 12.32 -14.17 -20.12
CA LYS A 520 12.67 -15.22 -19.17
C LYS A 520 13.83 -14.84 -18.30
N GLU A 521 14.75 -14.00 -18.81
CA GLU A 521 15.86 -13.52 -18.00
C GLU A 521 15.37 -12.66 -16.83
N ALA A 522 14.36 -11.82 -17.08
CA ALA A 522 13.80 -11.00 -16.01
C ALA A 522 13.07 -11.86 -15.01
N GLY A 523 12.37 -12.87 -15.47
CA GLY A 523 11.73 -13.77 -14.54
C GLY A 523 12.72 -14.47 -13.63
N GLN A 524 13.87 -14.87 -14.17
CA GLN A 524 14.84 -15.59 -13.35
C GLN A 524 15.40 -14.73 -12.22
N ARG A 525 15.61 -13.43 -12.48
CA ARG A 525 16.06 -12.53 -11.42
C ARG A 525 15.06 -12.46 -10.28
N LEU A 526 13.78 -12.31 -10.63
CA LEU A 526 12.77 -12.20 -9.60
C LEU A 526 12.64 -13.50 -8.80
N ALA A 527 12.67 -14.64 -9.47
CA ALA A 527 12.39 -15.90 -8.81
C ALA A 527 13.48 -16.26 -7.81
N THR A 528 14.74 -16.02 -8.17
CA THR A 528 15.82 -16.40 -7.24
C THR A 528 15.72 -15.60 -5.95
N ALA A 529 15.33 -14.33 -6.06
CA ALA A 529 15.17 -13.49 -4.88
C ALA A 529 13.93 -13.86 -4.08
N MET A 530 12.80 -14.11 -4.75
CA MET A 530 11.59 -14.40 -4.02
C MET A 530 11.69 -15.74 -3.29
N LYS A 531 12.50 -16.68 -3.81
CA LYS A 531 12.65 -17.97 -3.15
C LYS A 531 13.33 -17.87 -1.79
N LEU A 532 14.07 -16.78 -1.56
CA LEU A 532 14.74 -16.58 -0.28
C LEU A 532 13.76 -16.30 0.83
N GLY A 533 12.56 -15.85 0.49
CA GLY A 533 11.64 -15.40 1.51
C GLY A 533 12.30 -14.44 2.46
N PHE A 534 12.16 -14.76 3.76
CA PHE A 534 12.76 -13.99 4.84
C PHE A 534 13.97 -14.71 5.42
N SER A 535 14.61 -15.60 4.65
CA SER A 535 15.70 -16.41 5.20
C SER A 535 17.02 -15.66 5.32
N ARG A 536 17.18 -14.51 4.66
CA ARG A 536 18.42 -13.75 4.68
C ARG A 536 18.10 -12.27 4.79
N PRO A 537 19.02 -11.47 5.31
CA PRO A 537 18.81 -10.01 5.31
C PRO A 537 18.47 -9.51 3.92
N TRP A 538 17.58 -8.51 3.86
CA TRP A 538 17.05 -8.12 2.55
C TRP A 538 18.09 -7.60 1.56
N PRO A 539 19.26 -7.07 1.97
CA PRO A 539 20.24 -6.66 0.94
C PRO A 539 20.67 -7.79 0.02
N GLU A 540 20.57 -9.06 0.46
CA GLU A 540 20.92 -10.16 -0.44
C GLU A 540 19.91 -10.29 -1.57
N ALA A 541 18.61 -10.16 -1.28
CA ALA A 541 17.63 -10.19 -2.36
C ALA A 541 17.77 -8.97 -3.28
N MET A 542 18.05 -7.80 -2.71
CA MET A 542 18.32 -6.62 -3.53
C MET A 542 19.46 -6.88 -4.48
N GLN A 543 20.53 -7.53 -3.98
CA GLN A 543 21.68 -7.87 -4.80
C GLN A 543 21.34 -8.84 -5.93
N LEU A 544 20.56 -9.89 -5.65
CA LEU A 544 20.17 -10.84 -6.69
C LEU A 544 19.37 -10.17 -7.81
N ILE A 545 18.50 -9.22 -7.47
CA ILE A 545 17.68 -8.58 -8.49
C ILE A 545 18.48 -7.54 -9.26
N THR A 546 19.20 -6.64 -8.54
CA THR A 546 19.73 -5.42 -9.14
C THR A 546 21.24 -5.41 -9.32
N GLY A 547 21.95 -6.40 -8.78
CA GLY A 547 23.40 -6.38 -8.87
C GLY A 547 24.12 -5.54 -7.84
N GLN A 548 23.40 -4.97 -6.87
CA GLN A 548 24.00 -4.20 -5.79
C GLN A 548 23.04 -4.23 -4.61
N PRO A 549 23.48 -3.83 -3.41
CA PRO A 549 22.69 -4.13 -2.20
C PRO A 549 21.85 -3.01 -1.59
N GLN A 550 21.86 -1.78 -2.12
CA GLN A 550 21.22 -0.63 -1.46
C GLN A 550 19.88 -0.22 -2.08
N MET A 551 19.01 0.38 -1.26
CA MET A 551 17.89 1.13 -1.81
C MET A 551 18.38 2.44 -2.41
N SER A 552 17.79 2.83 -3.54
CA SER A 552 18.27 4.00 -4.27
C SER A 552 17.11 4.57 -5.09
N ALA A 553 17.00 5.91 -5.07
CA ALA A 553 16.01 6.62 -5.89
C ALA A 553 16.51 6.88 -7.30
N SER A 554 17.74 6.49 -7.65
CA SER A 554 18.27 6.89 -8.96
C SER A 554 17.43 6.30 -10.09
N ALA A 555 16.91 5.07 -9.94
CA ALA A 555 16.09 4.51 -11.02
C ALA A 555 14.80 5.31 -11.21
N MET A 556 14.10 5.61 -10.12
CA MET A 556 12.89 6.42 -10.25
C MET A 556 13.18 7.77 -10.90
N LEU A 557 14.28 8.41 -10.52
CA LEU A 557 14.66 9.68 -11.13
C LEU A 557 14.97 9.49 -12.61
N SER A 558 15.66 8.40 -12.96
CA SER A 558 15.97 8.15 -14.37
C SER A 558 14.69 7.98 -15.19
N TYR A 559 13.75 7.21 -14.66
CA TYR A 559 12.46 7.00 -15.34
C TYR A 559 11.76 8.31 -15.67
N PHE A 560 11.70 9.24 -14.70
CA PHE A 560 10.95 10.49 -14.84
C PHE A 560 11.79 11.66 -15.34
N LYS A 561 13.06 11.45 -15.65
CA LYS A 561 13.91 12.56 -16.07
C LYS A 561 13.33 13.39 -17.22
N PRO A 562 12.85 12.80 -18.32
CA PRO A 562 12.24 13.68 -19.34
C PRO A 562 11.07 14.51 -18.81
N LEU A 563 10.34 14.00 -17.84
CA LEU A 563 9.23 14.79 -17.30
C LEU A 563 9.74 15.91 -16.39
N LEU A 564 10.77 15.64 -15.60
CA LEU A 564 11.34 16.70 -14.77
C LEU A 564 11.79 17.87 -15.64
N ASP A 565 12.46 17.58 -16.75
CA ASP A 565 12.93 18.65 -17.64
C ASP A 565 11.76 19.46 -18.18
N TRP A 566 10.70 18.77 -18.60
CA TRP A 566 9.55 19.47 -19.18
C TRP A 566 8.87 20.33 -18.12
N LEU A 567 8.65 19.77 -16.91
CA LEU A 567 8.04 20.53 -15.81
C LEU A 567 8.87 21.74 -15.39
N ARG A 568 10.21 21.62 -15.35
CA ARG A 568 11.00 22.80 -14.99
C ARG A 568 10.82 23.92 -16.00
N THR A 569 10.86 23.58 -17.30
CA THR A 569 10.67 24.58 -18.34
C THR A 569 9.28 25.20 -18.29
N GLU A 570 8.27 24.36 -18.07
CA GLU A 570 6.90 24.86 -18.02
C GLU A 570 6.67 25.76 -16.79
N ASN A 571 7.15 25.33 -15.64
CA ASN A 571 6.97 26.09 -14.41
C ASN A 571 7.75 27.39 -14.45
N GLU A 572 8.94 27.37 -15.04
CA GLU A 572 9.74 28.59 -15.19
C GLU A 572 9.05 29.59 -16.09
N LEU A 573 8.42 29.10 -17.15
CA LEU A 573 7.73 29.95 -18.12
C LEU A 573 6.65 30.77 -17.44
N HIS A 574 5.96 30.17 -16.47
CA HIS A 574 4.86 30.77 -15.77
C HIS A 574 5.28 31.42 -14.46
N GLY A 575 6.55 31.32 -14.08
CA GLY A 575 7.05 31.93 -12.86
C GLY A 575 6.52 31.29 -11.59
N GLU A 576 6.37 29.98 -11.58
CA GLU A 576 5.83 29.33 -10.39
C GLU A 576 6.83 29.43 -9.25
N LYS A 577 6.31 29.70 -8.06
CA LYS A 577 7.09 29.61 -6.83
C LYS A 577 6.91 28.20 -6.28
N LEU A 578 7.96 27.37 -6.41
CA LEU A 578 7.89 25.98 -5.95
C LEU A 578 7.73 25.92 -4.44
N GLY A 579 6.91 24.97 -3.98
CA GLY A 579 6.66 24.86 -2.56
C GLY A 579 5.50 25.71 -2.13
N TRP A 580 5.36 25.87 -0.83
CA TRP A 580 4.21 26.57 -0.27
C TRP A 580 4.75 27.51 0.78
N PRO A 581 5.47 28.55 0.33
CA PRO A 581 5.95 29.56 1.27
C PRO A 581 4.82 30.16 2.10
N GLN A 582 3.65 30.39 1.49
CA GLN A 582 2.45 30.83 2.22
C GLN A 582 1.79 29.62 2.87
N TYR A 583 2.55 28.94 3.73
CA TYR A 583 2.15 27.64 4.24
C TYR A 583 0.93 27.73 5.17
N ASN A 584 0.62 28.92 5.69
CA ASN A 584 -0.54 29.12 6.55
C ASN A 584 -1.81 29.43 5.78
N TRP A 585 -1.74 29.53 4.45
CA TRP A 585 -2.95 29.76 3.66
C TRP A 585 -3.92 28.59 3.84
N THR A 586 -5.20 28.92 3.97
CA THR A 586 -6.27 27.95 3.85
C THR A 586 -7.42 28.63 3.13
N PRO A 587 -8.35 27.86 2.56
CA PRO A 587 -9.46 28.46 1.81
C PRO A 587 -10.29 29.44 2.61
N ASN A 588 -10.52 30.62 2.03
CA ASN A 588 -11.38 31.63 2.65
C ASN A 588 -12.86 31.26 2.56
N SER A 589 -13.28 30.56 1.50
CA SER A 589 -14.69 30.15 1.32
C SER A 589 -14.79 28.73 0.68
#